data_1N1Y
#
_entry.id   1N1Y
#
_cell.length_a   76.833
_cell.length_b   95.639
_cell.length_c   109.218
_cell.angle_alpha   90.00
_cell.angle_beta   90.00
_cell.angle_gamma   90.00
#
_symmetry.space_group_name_H-M   'P 21 21 21'
#
loop_
_entity.id
_entity.type
_entity.pdbx_description
1 polymer Sialidase
2 non-polymer 'N-acetyl-alpha-neuraminic acid'
#
_entity_poly.entity_id   1
_entity_poly.type   'polypeptide(L)'
_entity_poly.pdbx_seq_one_letter_code
;AASLAPGSSRVELFKRKNSTVPFEESNGTIRERVVHSFRIPTIVNVDGVMVAIADARYETSFDNSFIETAVKYSVDDGAT
WNTQIAIKNSRASSVSRVMDATVIVKGNKLYILVGSFNKTRNSWTQHRDGSDWEPLLVVGEVTKSAANGKTTATISWGKP
VSLKPLFPAEFDGILTKEFVGGVGAAIVASNGNLVYPVQIADMGGRVFTKIMYSEDDGNTWKFAEGRSKFGCSEPAVLEW
EGKLIINNRVDGNRRLVYESSDMGKTWVEALGTLSHVWTNSPTSNQQDCQSSFVAVTIEGKRVMLFTHPLNLKGRWMRDR
LHLWMTDNQRIFDVGQISIGDENSGYSSVLYKDDKLYSLHEINTNDVYSLVFVRLIGELQLMKSVVRTWKEEDNHLASIC
TPVVPATPPSKGGCGAAVPTAGLVGFLSHSANGSVWEDVYRCVDANVANAERVPNGLKFNGVGGGAVWPVARQGQTRRYQ
FANYRFTLVATVTIDELPKGTSPLLGAGLEGPGDAKLLGLSYDKNRQWRPLYGAAPASPTGSWELHKKYHVVLTMADRQG
SVYVDGQPLAGSGNTVVRGATLPDISHFYIGGPRSKGAPTDSRVTVTNVVLYNRRLNSSEIRTLFLSQDMIGTDGGAGTA
A
;
_entity_poly.pdbx_strand_id   A
#
# COMPACT_ATOMS: atom_id res chain seq x y z
N ALA A 1 5.80 2.11 -16.51
CA ALA A 1 6.36 3.26 -17.28
C ALA A 1 6.90 4.34 -16.35
N ALA A 2 8.01 4.96 -16.72
CA ALA A 2 8.65 5.97 -15.91
C ALA A 2 8.01 7.36 -16.01
N SER A 3 7.03 7.49 -16.91
CA SER A 3 6.32 8.75 -17.08
C SER A 3 4.88 8.49 -17.48
N LEU A 4 4.05 9.52 -17.43
CA LEU A 4 2.65 9.39 -17.83
C LEU A 4 2.59 8.50 -19.07
N ALA A 5 1.86 7.40 -18.97
CA ALA A 5 1.79 6.40 -20.03
C ALA A 5 1.29 6.93 -21.37
N PRO A 6 1.89 6.44 -22.45
CA PRO A 6 1.46 6.76 -23.82
C PRO A 6 -0.05 6.53 -23.95
N GLY A 7 -0.74 7.45 -24.62
CA GLY A 7 -2.18 7.33 -24.78
C GLY A 7 -2.95 8.00 -23.67
N SER A 8 -2.23 8.53 -22.68
CA SER A 8 -2.85 9.23 -21.56
C SER A 8 -2.59 10.73 -21.66
N SER A 9 -3.46 11.53 -21.05
CA SER A 9 -3.33 12.99 -21.12
C SER A 9 -3.91 13.68 -19.90
N ARG A 10 -3.73 15.00 -19.84
CA ARG A 10 -4.22 15.79 -18.71
C ARG A 10 -4.42 17.26 -19.07
N VAL A 11 -5.18 17.96 -18.24
CA VAL A 11 -5.41 19.39 -18.41
C VAL A 11 -5.18 20.11 -17.09
N GLU A 12 -4.80 21.38 -17.16
CA GLU A 12 -4.58 22.18 -15.97
C GLU A 12 -5.92 22.72 -15.48
N LEU A 13 -6.70 21.84 -14.85
CA LEU A 13 -8.05 22.17 -14.38
C LEU A 13 -8.08 23.38 -13.44
N PHE A 14 -7.32 23.30 -12.35
CA PHE A 14 -7.19 24.43 -11.43
C PHE A 14 -5.88 25.13 -11.74
N LYS A 15 -5.95 26.16 -12.59
CA LYS A 15 -4.78 26.87 -13.05
C LYS A 15 -4.36 28.00 -12.11
N ARG A 16 -3.10 27.95 -11.66
CA ARG A 16 -2.56 28.94 -10.73
C ARG A 16 -2.48 30.33 -11.34
N LYS A 17 -2.71 31.34 -10.50
CA LYS A 17 -2.68 32.74 -10.93
C LYS A 17 -3.40 32.96 -12.26
N ASN A 18 -4.55 32.30 -12.42
CA ASN A 18 -5.34 32.43 -13.63
C ASN A 18 -6.83 32.15 -13.39
N SER A 19 -7.11 30.99 -12.81
CA SER A 19 -8.49 30.59 -12.53
C SER A 19 -9.14 31.46 -11.45
N THR A 20 -10.40 31.81 -11.65
CA THR A 20 -11.14 32.64 -10.70
C THR A 20 -12.21 31.85 -9.97
N VAL A 21 -12.64 32.36 -8.82
CA VAL A 21 -13.68 31.74 -8.02
C VAL A 21 -14.68 32.79 -7.55
N PRO A 22 -15.96 32.42 -7.50
CA PRO A 22 -17.02 33.33 -7.06
C PRO A 22 -16.92 33.73 -5.59
N PHE A 23 -15.99 34.63 -5.26
CA PHE A 23 -15.81 35.09 -3.89
C PHE A 23 -16.93 36.03 -3.49
N GLU A 24 -17.40 35.90 -2.25
CA GLU A 24 -18.48 36.74 -1.74
C GLU A 24 -18.00 37.71 -0.67
N GLU A 25 -18.19 39.00 -0.91
CA GLU A 25 -17.81 40.03 0.05
C GLU A 25 -18.76 40.01 1.23
N SER A 26 -18.42 40.77 2.27
CA SER A 26 -19.25 40.82 3.47
C SER A 26 -20.69 41.22 3.18
N ASN A 27 -20.88 42.17 2.28
CA ASN A 27 -22.21 42.71 1.97
C ASN A 27 -23.06 41.87 1.01
N GLY A 28 -22.53 40.74 0.54
CA GLY A 28 -23.29 39.87 -0.33
C GLY A 28 -22.96 39.92 -1.81
N THR A 29 -22.32 40.99 -2.25
CA THR A 29 -21.94 41.12 -3.66
C THR A 29 -20.91 40.03 -4.02
N ILE A 30 -21.00 39.53 -5.25
CA ILE A 30 -20.11 38.46 -5.71
C ILE A 30 -19.23 38.90 -6.87
N ARG A 31 -17.92 38.70 -6.74
CA ARG A 31 -16.98 39.07 -7.77
C ARG A 31 -15.95 37.97 -8.04
N GLU A 32 -15.71 37.68 -9.32
CA GLU A 32 -14.72 36.69 -9.71
C GLU A 32 -13.36 37.15 -9.20
N ARG A 33 -12.64 36.27 -8.52
CA ARG A 33 -11.37 36.64 -7.92
C ARG A 33 -10.23 35.66 -8.22
N VAL A 34 -9.08 36.22 -8.58
CA VAL A 34 -7.89 35.43 -8.88
C VAL A 34 -7.47 34.61 -7.66
N VAL A 35 -6.79 33.49 -7.90
CA VAL A 35 -6.32 32.64 -6.82
C VAL A 35 -4.87 32.26 -7.01
N HIS A 36 -4.03 32.59 -6.03
CA HIS A 36 -2.61 32.28 -6.09
C HIS A 36 -2.37 30.78 -6.30
N SER A 37 -2.86 29.96 -5.37
CA SER A 37 -2.64 28.53 -5.46
C SER A 37 -3.86 27.66 -5.12
N PHE A 38 -3.86 26.45 -5.66
CA PHE A 38 -4.92 25.47 -5.41
C PHE A 38 -4.26 24.19 -4.88
N ARG A 39 -4.62 23.78 -3.67
CA ARG A 39 -4.01 22.59 -3.07
C ARG A 39 -5.00 21.61 -2.45
N ILE A 40 -4.48 20.45 -2.03
CA ILE A 40 -5.23 19.41 -1.35
C ILE A 40 -6.50 18.98 -2.09
N PRO A 41 -6.33 18.21 -3.17
CA PRO A 41 -7.44 17.79 -4.02
C PRO A 41 -8.12 16.49 -3.63
N THR A 42 -9.36 16.32 -4.10
CA THR A 42 -10.13 15.09 -3.90
C THR A 42 -11.26 15.06 -4.93
N ILE A 43 -11.27 14.02 -5.76
CA ILE A 43 -12.29 13.88 -6.78
C ILE A 43 -13.08 12.58 -6.56
N VAL A 44 -14.40 12.69 -6.58
CA VAL A 44 -15.27 11.54 -6.35
C VAL A 44 -16.48 11.53 -7.28
N ASN A 45 -17.21 10.42 -7.27
CA ASN A 45 -18.40 10.27 -8.11
C ASN A 45 -19.69 10.23 -7.31
N VAL A 46 -20.53 11.23 -7.50
CA VAL A 46 -21.82 11.27 -6.83
C VAL A 46 -22.94 11.09 -7.86
N ASP A 47 -23.61 9.95 -7.81
CA ASP A 47 -24.75 9.67 -8.69
C ASP A 47 -24.48 10.07 -10.14
N GLY A 48 -23.28 9.75 -10.63
CA GLY A 48 -22.92 10.05 -12.01
C GLY A 48 -22.29 11.43 -12.21
N VAL A 49 -22.17 12.20 -11.13
CA VAL A 49 -21.60 13.54 -11.21
C VAL A 49 -20.23 13.62 -10.56
N MET A 50 -19.25 14.14 -11.30
CA MET A 50 -17.89 14.31 -10.79
C MET A 50 -17.81 15.54 -9.90
N VAL A 51 -17.16 15.40 -8.74
CA VAL A 51 -17.02 16.52 -7.81
C VAL A 51 -15.59 16.66 -7.32
N ALA A 52 -14.95 17.76 -7.72
CA ALA A 52 -13.57 18.03 -7.32
C ALA A 52 -13.51 19.05 -6.18
N ILE A 53 -12.92 18.65 -5.07
CA ILE A 53 -12.80 19.51 -3.89
C ILE A 53 -11.34 19.88 -3.65
N ALA A 54 -11.08 21.14 -3.30
CA ALA A 54 -9.71 21.57 -3.04
C ALA A 54 -9.61 22.90 -2.30
N ASP A 55 -8.41 23.18 -1.80
CA ASP A 55 -8.13 24.42 -1.10
C ASP A 55 -7.95 25.55 -2.10
N ALA A 56 -8.66 26.65 -1.90
CA ALA A 56 -8.46 27.83 -2.72
C ALA A 56 -7.62 28.80 -1.88
N ARG A 57 -6.32 28.80 -2.12
CA ARG A 57 -5.41 29.68 -1.40
C ARG A 57 -5.21 30.95 -2.21
N TYR A 58 -5.95 31.99 -1.84
CA TYR A 58 -6.00 33.26 -2.57
C TYR A 58 -4.69 34.03 -2.72
N GLU A 59 -4.03 34.31 -1.60
CA GLU A 59 -2.85 35.17 -1.61
C GLU A 59 -1.49 34.48 -1.66
N THR A 60 -1.41 33.28 -1.08
CA THR A 60 -0.14 32.56 -1.04
C THR A 60 -0.35 31.07 -0.76
N SER A 61 0.70 30.28 -1.02
CA SER A 61 0.63 28.84 -0.84
C SER A 61 0.84 28.38 0.60
N PHE A 62 1.29 29.29 1.46
CA PHE A 62 1.54 28.95 2.86
C PHE A 62 0.27 28.50 3.59
N ASP A 63 0.45 27.64 4.59
CA ASP A 63 -0.67 27.11 5.36
C ASP A 63 -1.42 28.18 6.13
N ASN A 64 -0.69 29.19 6.60
CA ASN A 64 -1.28 30.25 7.39
C ASN A 64 -1.64 31.49 6.58
N SER A 65 -2.78 31.42 5.89
CA SER A 65 -3.24 32.53 5.06
C SER A 65 -4.74 32.42 4.74
N PHE A 66 -5.21 33.35 3.91
CA PHE A 66 -6.60 33.40 3.50
C PHE A 66 -6.95 32.20 2.62
N ILE A 67 -7.81 31.33 3.12
CA ILE A 67 -8.19 30.13 2.37
C ILE A 67 -9.69 29.84 2.44
N GLU A 68 -10.23 29.26 1.36
CA GLU A 68 -11.62 28.83 1.28
C GLU A 68 -11.72 27.59 0.41
N THR A 69 -12.74 26.77 0.64
CA THR A 69 -12.88 25.51 -0.09
C THR A 69 -13.57 25.67 -1.44
N ALA A 70 -12.81 25.54 -2.51
CA ALA A 70 -13.34 25.66 -3.87
C ALA A 70 -13.91 24.34 -4.36
N VAL A 71 -14.78 24.40 -5.37
CA VAL A 71 -15.39 23.21 -5.94
C VAL A 71 -15.58 23.34 -7.45
N LYS A 72 -15.43 22.23 -8.15
CA LYS A 72 -15.67 22.17 -9.59
C LYS A 72 -16.38 20.86 -9.90
N TYR A 73 -17.62 20.94 -10.37
CA TYR A 73 -18.37 19.73 -10.69
C TYR A 73 -18.66 19.58 -12.18
N SER A 74 -18.91 18.36 -12.61
CA SER A 74 -19.16 18.08 -14.02
C SER A 74 -20.20 16.99 -14.23
N VAL A 75 -20.86 17.03 -15.39
CA VAL A 75 -21.88 16.04 -15.75
C VAL A 75 -21.50 15.35 -17.05
N ASP A 76 -20.46 15.85 -17.72
CA ASP A 76 -20.01 15.28 -18.98
C ASP A 76 -18.57 14.80 -18.91
N ASP A 77 -18.28 14.02 -17.87
CA ASP A 77 -16.95 13.43 -17.67
C ASP A 77 -15.77 14.36 -17.97
N GLY A 78 -15.90 15.64 -17.65
CA GLY A 78 -14.80 16.57 -17.81
C GLY A 78 -14.82 17.50 -19.02
N ALA A 79 -15.86 17.42 -19.85
CA ALA A 79 -15.95 18.30 -21.00
C ALA A 79 -16.17 19.74 -20.54
N THR A 80 -17.22 19.95 -19.76
CA THR A 80 -17.53 21.28 -19.22
C THR A 80 -17.51 21.23 -17.69
N TRP A 81 -17.28 22.39 -17.06
CA TRP A 81 -17.20 22.45 -15.61
C TRP A 81 -17.90 23.67 -15.00
N ASN A 82 -18.35 23.52 -13.77
CA ASN A 82 -18.96 24.61 -13.01
C ASN A 82 -18.14 24.87 -11.75
N THR A 83 -18.10 26.13 -11.31
CA THR A 83 -17.28 26.50 -10.16
C THR A 83 -18.06 27.18 -9.05
N GLN A 84 -17.83 26.75 -7.81
CA GLN A 84 -18.48 27.36 -6.66
C GLN A 84 -17.52 27.45 -5.47
N ILE A 85 -17.97 28.15 -4.43
CA ILE A 85 -17.24 28.22 -3.18
C ILE A 85 -18.08 27.45 -2.17
N ALA A 86 -17.66 26.23 -1.88
CA ALA A 86 -18.40 25.34 -0.99
C ALA A 86 -18.53 25.86 0.43
N ILE A 87 -17.39 26.24 1.02
CA ILE A 87 -17.38 26.70 2.40
C ILE A 87 -16.54 27.96 2.59
N LYS A 88 -17.14 28.97 3.20
CA LYS A 88 -16.46 30.24 3.46
C LYS A 88 -15.71 30.18 4.79
N ASN A 89 -14.72 31.06 4.95
CA ASN A 89 -14.03 31.14 6.24
C ASN A 89 -14.69 32.18 7.14
N SER A 90 -14.22 32.31 8.37
CA SER A 90 -14.83 33.21 9.34
C SER A 90 -14.70 34.69 9.03
N ARG A 91 -13.68 35.06 8.24
CA ARG A 91 -13.43 36.45 7.89
C ARG A 91 -12.98 37.26 9.11
N ALA A 92 -12.46 36.56 10.12
CA ALA A 92 -12.03 37.19 11.36
C ALA A 92 -10.75 38.00 11.22
N SER A 93 -9.97 37.72 10.18
CA SER A 93 -8.73 38.46 9.96
C SER A 93 -8.07 38.09 8.62
N SER A 94 -6.92 38.69 8.37
CA SER A 94 -6.16 38.46 7.15
C SER A 94 -5.78 36.99 6.95
N VAL A 95 -5.76 36.22 8.03
CA VAL A 95 -5.35 34.82 7.94
C VAL A 95 -6.45 33.77 8.19
N SER A 96 -7.69 34.21 8.41
CA SER A 96 -8.79 33.27 8.62
C SER A 96 -8.82 32.22 7.51
N ARG A 97 -9.17 30.98 7.85
CA ARG A 97 -9.11 29.91 6.85
C ARG A 97 -9.86 28.62 7.19
N VAL A 98 -10.22 27.89 6.15
CA VAL A 98 -10.85 26.57 6.25
C VAL A 98 -10.06 25.65 5.33
N MET A 99 -9.54 24.53 5.85
CA MET A 99 -8.65 23.70 5.03
C MET A 99 -8.68 22.19 5.32
N ASP A 100 -7.95 21.45 4.47
CA ASP A 100 -7.79 20.00 4.58
C ASP A 100 -9.10 19.21 4.55
N ALA A 101 -9.86 19.36 3.48
CA ALA A 101 -11.14 18.69 3.34
C ALA A 101 -11.04 17.17 3.30
N THR A 102 -11.97 16.51 4.00
CA THR A 102 -12.08 15.05 3.99
C THR A 102 -13.48 14.78 3.47
N VAL A 103 -13.63 13.80 2.57
CA VAL A 103 -14.92 13.58 1.93
C VAL A 103 -15.48 12.15 1.98
N ILE A 104 -16.79 12.06 2.19
CA ILE A 104 -17.51 10.78 2.21
C ILE A 104 -18.76 10.90 1.34
N VAL A 105 -19.02 9.88 0.52
CA VAL A 105 -20.19 9.89 -0.36
C VAL A 105 -21.18 8.77 -0.06
N LYS A 106 -22.40 9.14 0.31
CA LYS A 106 -23.46 8.18 0.53
C LYS A 106 -24.74 8.67 -0.15
N GLY A 107 -25.28 7.84 -1.03
CA GLY A 107 -26.46 8.22 -1.79
C GLY A 107 -26.12 9.37 -2.72
N ASN A 108 -26.88 10.45 -2.61
CA ASN A 108 -26.63 11.64 -3.42
C ASN A 108 -26.11 12.79 -2.56
N LYS A 109 -25.58 12.46 -1.39
CA LYS A 109 -25.10 13.47 -0.47
C LYS A 109 -23.59 13.40 -0.19
N LEU A 110 -23.01 14.58 0.03
CA LEU A 110 -21.59 14.70 0.33
C LEU A 110 -21.39 15.17 1.76
N TYR A 111 -20.50 14.51 2.48
CA TYR A 111 -20.20 14.90 3.86
C TYR A 111 -18.76 15.42 3.91
N ILE A 112 -18.59 16.71 4.14
CA ILE A 112 -17.27 17.33 4.17
C ILE A 112 -16.85 17.82 5.55
N LEU A 113 -15.69 17.37 6.01
CA LEU A 113 -15.15 17.76 7.31
C LEU A 113 -13.85 18.53 7.12
N VAL A 114 -13.75 19.72 7.72
CA VAL A 114 -12.56 20.55 7.59
C VAL A 114 -12.17 21.23 8.90
N GLY A 115 -10.96 21.77 8.92
CA GLY A 115 -10.46 22.50 10.06
C GLY A 115 -10.61 24.00 9.81
N SER A 116 -11.07 24.73 10.83
CA SER A 116 -11.27 26.17 10.70
C SER A 116 -10.47 26.93 11.74
N PHE A 117 -9.79 27.99 11.31
CA PHE A 117 -8.96 28.79 12.20
C PHE A 117 -9.18 30.28 11.98
N ASN A 118 -8.96 31.08 13.03
CA ASN A 118 -9.24 32.51 12.96
C ASN A 118 -8.05 33.47 12.84
N LYS A 119 -7.07 33.36 13.72
CA LYS A 119 -5.97 34.35 13.73
C LYS A 119 -4.53 33.84 13.81
N THR A 120 -4.33 32.59 14.22
CA THR A 120 -2.97 32.07 14.42
C THR A 120 -2.07 32.11 13.18
N ARG A 121 -0.77 32.31 13.43
CA ARG A 121 0.23 32.36 12.36
C ARG A 121 1.17 31.15 12.43
N ASN A 122 1.08 30.38 13.51
CA ASN A 122 1.88 29.16 13.66
C ASN A 122 1.02 27.92 13.38
N SER A 123 1.67 26.78 13.13
CA SER A 123 0.94 25.55 12.78
C SER A 123 0.11 24.95 13.92
N TRP A 124 -0.90 24.15 13.55
CA TRP A 124 -1.86 23.60 14.50
C TRP A 124 -1.30 22.78 15.68
N THR A 125 -0.41 21.83 15.41
CA THR A 125 0.15 21.00 16.48
C THR A 125 0.94 21.81 17.50
N GLN A 126 1.22 23.08 17.17
CA GLN A 126 2.05 23.91 18.03
C GLN A 126 1.32 25.05 18.74
N HIS A 127 -0.02 25.04 18.69
CA HIS A 127 -0.80 26.08 19.36
C HIS A 127 -0.64 25.99 20.88
N ARG A 128 -0.94 27.10 21.57
CA ARG A 128 -0.89 27.13 23.02
C ARG A 128 -2.06 26.29 23.54
N ASP A 129 -3.22 26.49 22.94
CA ASP A 129 -4.41 25.70 23.25
C ASP A 129 -5.27 25.56 21.99
N GLY A 130 -6.54 25.23 22.14
CA GLY A 130 -7.40 25.04 20.98
C GLY A 130 -8.44 26.12 20.73
N SER A 131 -8.24 27.29 21.33
CA SER A 131 -9.20 28.40 21.22
C SER A 131 -9.41 28.96 19.81
N ASP A 132 -8.46 28.73 18.91
CA ASP A 132 -8.55 29.26 17.57
C ASP A 132 -9.15 28.26 16.58
N TRP A 133 -9.30 27.01 17.01
CA TRP A 133 -9.73 25.94 16.12
C TRP A 133 -11.16 25.40 16.34
N GLU A 134 -11.74 24.91 15.25
CA GLU A 134 -13.07 24.29 15.26
C GLU A 134 -13.15 23.23 14.15
N PRO A 135 -13.79 22.10 14.45
CA PRO A 135 -14.01 21.04 13.46
C PRO A 135 -15.37 21.21 12.80
N LEU A 136 -15.39 21.60 11.52
CA LEU A 136 -16.65 21.86 10.84
C LEU A 136 -17.13 20.73 9.93
N LEU A 137 -18.42 20.44 9.98
CA LEU A 137 -19.04 19.42 9.13
C LEU A 137 -20.03 20.09 8.18
N VAL A 138 -19.88 19.83 6.89
CA VAL A 138 -20.75 20.41 5.88
C VAL A 138 -21.37 19.33 4.99
N VAL A 139 -22.68 19.46 4.73
CA VAL A 139 -23.39 18.48 3.92
C VAL A 139 -23.83 19.06 2.57
N GLY A 140 -23.55 18.32 1.50
CA GLY A 140 -23.91 18.76 0.16
C GLY A 140 -24.85 17.79 -0.54
N GLU A 141 -25.83 18.33 -1.25
CA GLU A 141 -26.83 17.50 -1.92
C GLU A 141 -26.81 17.71 -3.43
N VAL A 142 -26.76 16.62 -4.19
CA VAL A 142 -26.73 16.68 -5.64
C VAL A 142 -28.08 16.32 -6.25
N THR A 143 -28.55 17.17 -7.17
CA THR A 143 -29.83 16.97 -7.82
C THR A 143 -29.68 16.99 -9.34
N LYS A 144 -30.18 15.96 -10.00
CA LYS A 144 -30.09 15.89 -11.46
C LYS A 144 -31.39 16.27 -12.15
N SER A 145 -31.28 17.04 -13.22
CA SER A 145 -32.42 17.46 -14.02
C SER A 145 -32.11 17.15 -15.47
N ALA A 146 -32.84 17.78 -16.39
CA ALA A 146 -32.59 17.54 -17.82
C ALA A 146 -33.51 18.32 -18.75
N ALA A 147 -32.91 19.02 -19.70
CA ALA A 147 -33.65 19.70 -20.75
C ALA A 147 -33.86 18.67 -21.85
N ASN A 148 -33.87 19.10 -23.10
CA ASN A 148 -34.01 18.14 -24.19
C ASN A 148 -32.68 17.54 -24.64
N GLY A 149 -32.36 16.37 -24.10
CA GLY A 149 -31.13 15.68 -24.45
C GLY A 149 -29.98 15.95 -23.50
N LYS A 150 -29.70 17.23 -23.26
CA LYS A 150 -28.59 17.62 -22.39
C LYS A 150 -28.96 17.61 -20.92
N THR A 151 -28.13 16.92 -20.13
CA THR A 151 -28.34 16.81 -18.68
C THR A 151 -27.56 17.91 -17.95
N THR A 152 -28.15 18.43 -16.88
CA THR A 152 -27.50 19.45 -16.05
C THR A 152 -27.64 19.03 -14.59
N ALA A 153 -26.97 19.75 -13.70
CA ALA A 153 -27.02 19.43 -12.27
C ALA A 153 -26.66 20.59 -11.36
N THR A 154 -27.26 20.60 -10.18
CA THR A 154 -26.99 21.62 -9.17
C THR A 154 -26.47 20.98 -7.89
N ILE A 155 -25.74 21.75 -7.10
CA ILE A 155 -25.23 21.26 -5.82
C ILE A 155 -25.51 22.29 -4.72
N SER A 156 -26.28 21.87 -3.72
CA SER A 156 -26.64 22.75 -2.61
C SER A 156 -25.85 22.43 -1.36
N TRP A 157 -25.25 23.45 -0.75
CA TRP A 157 -24.45 23.27 0.45
C TRP A 157 -25.12 23.89 1.68
N GLY A 158 -25.27 23.08 2.73
CA GLY A 158 -25.90 23.53 3.96
C GLY A 158 -25.00 24.39 4.82
N LYS A 159 -25.53 24.83 5.96
CA LYS A 159 -24.77 25.65 6.90
C LYS A 159 -23.88 24.80 7.78
N PRO A 160 -22.64 25.23 7.96
CA PRO A 160 -21.64 24.48 8.73
C PRO A 160 -22.04 24.20 10.18
N VAL A 161 -21.75 22.98 10.63
CA VAL A 161 -22.04 22.56 12.00
C VAL A 161 -20.74 22.12 12.67
N SER A 162 -20.53 22.54 13.92
CA SER A 162 -19.30 22.21 14.64
C SER A 162 -19.41 20.92 15.44
N LEU A 163 -18.31 20.16 15.49
CA LEU A 163 -18.26 18.91 16.23
C LEU A 163 -17.50 19.08 17.54
N LYS A 164 -16.97 20.29 17.76
CA LYS A 164 -16.20 20.58 18.97
C LYS A 164 -16.86 20.04 20.24
N PRO A 165 -18.14 20.33 20.44
CA PRO A 165 -18.88 19.86 21.62
C PRO A 165 -18.92 18.33 21.77
N LEU A 166 -18.31 17.60 20.85
CA LEU A 166 -18.29 16.14 20.93
C LEU A 166 -16.89 15.63 21.19
N PHE A 167 -15.92 16.54 21.16
CA PHE A 167 -14.53 16.19 21.39
C PHE A 167 -14.25 16.00 22.88
N PRO A 168 -13.97 14.77 23.28
CA PRO A 168 -13.63 14.47 24.68
C PRO A 168 -12.37 15.25 25.06
N ALA A 169 -12.23 15.56 26.34
CA ALA A 169 -11.07 16.30 26.80
C ALA A 169 -9.90 15.37 27.05
N GLU A 170 -10.17 14.07 27.03
CA GLU A 170 -9.13 13.08 27.30
C GLU A 170 -9.40 11.70 26.71
N PHE A 171 -8.34 11.03 26.31
CA PHE A 171 -8.40 9.65 25.83
C PHE A 171 -7.46 8.87 26.72
N ASP A 172 -7.95 7.80 27.33
CA ASP A 172 -7.14 7.00 28.23
C ASP A 172 -5.93 7.79 28.72
N GLY A 173 -6.19 8.75 29.60
CA GLY A 173 -5.14 9.58 30.17
C GLY A 173 -4.75 10.80 29.35
N ILE A 174 -4.54 10.59 28.05
CA ILE A 174 -4.11 11.66 27.14
C ILE A 174 -5.03 12.87 27.09
N LEU A 175 -4.44 14.06 27.22
CA LEU A 175 -5.20 15.30 27.16
C LEU A 175 -5.28 15.80 25.71
N THR A 176 -6.49 16.09 25.25
CA THR A 176 -6.70 16.51 23.86
C THR A 176 -6.60 18.02 23.63
N LYS A 177 -6.32 18.39 22.38
CA LYS A 177 -6.21 19.80 22.01
C LYS A 177 -7.06 20.09 20.76
N GLU A 178 -6.68 19.49 19.63
CA GLU A 178 -7.41 19.67 18.39
C GLU A 178 -7.45 18.38 17.58
N PHE A 179 -8.28 18.36 16.54
CA PHE A 179 -8.36 17.21 15.65
C PHE A 179 -8.92 17.61 14.29
N VAL A 180 -8.54 16.85 13.26
CA VAL A 180 -9.02 17.08 11.90
C VAL A 180 -9.11 15.72 11.21
N GLY A 181 -9.75 15.69 10.04
CA GLY A 181 -9.81 14.46 9.28
C GLY A 181 -8.43 14.12 8.77
N GLY A 182 -8.27 12.93 8.21
CA GLY A 182 -6.98 12.50 7.69
C GLY A 182 -6.69 13.01 6.30
N VAL A 183 -7.67 13.73 5.73
CA VAL A 183 -7.55 14.27 4.38
C VAL A 183 -7.81 13.20 3.33
N GLY A 184 -8.56 13.56 2.29
CA GLY A 184 -8.84 12.64 1.20
C GLY A 184 -10.20 11.99 1.27
N ALA A 185 -10.42 11.01 0.41
CA ALA A 185 -11.69 10.30 0.35
C ALA A 185 -11.84 9.30 1.49
N ALA A 186 -13.00 9.33 2.15
CA ALA A 186 -13.31 8.39 3.22
C ALA A 186 -14.35 7.41 2.71
N ILE A 187 -14.93 6.60 3.61
CA ILE A 187 -15.84 5.55 3.15
C ILE A 187 -17.18 5.44 3.87
N VAL A 188 -17.97 4.54 3.35
CA VAL A 188 -19.27 4.16 3.92
C VAL A 188 -19.15 2.67 4.10
N ALA A 189 -18.96 2.27 5.36
CA ALA A 189 -18.80 0.88 5.65
C ALA A 189 -20.10 0.11 5.28
N SER A 190 -19.86 -1.13 4.74
CA SER A 190 -20.87 -2.13 4.25
C SER A 190 -22.12 -2.24 5.16
N ASN A 191 -21.95 -1.93 6.44
CA ASN A 191 -23.07 -1.94 7.39
C ASN A 191 -23.80 -0.60 7.42
N GLY A 192 -23.35 0.32 6.56
CA GLY A 192 -23.97 1.62 6.44
C GLY A 192 -23.31 2.73 7.25
N ASN A 193 -22.32 2.39 8.05
CA ASN A 193 -21.63 3.36 8.89
C ASN A 193 -20.78 4.36 8.11
N LEU A 194 -20.82 5.61 8.55
CA LEU A 194 -19.96 6.64 7.98
C LEU A 194 -18.67 6.56 8.79
N VAL A 195 -17.54 6.34 8.12
CA VAL A 195 -16.28 6.16 8.82
C VAL A 195 -15.23 7.20 8.47
N TYR A 196 -14.86 8.02 9.45
CA TYR A 196 -13.88 9.08 9.28
C TYR A 196 -12.56 8.77 9.95
N PRO A 197 -11.48 8.74 9.18
CA PRO A 197 -10.14 8.63 9.73
C PRO A 197 -9.72 10.02 10.20
N VAL A 198 -9.29 10.17 11.45
CA VAL A 198 -8.93 11.48 11.96
C VAL A 198 -7.56 11.54 12.62
N GLN A 199 -6.95 12.73 12.61
CA GLN A 199 -5.66 12.94 13.23
C GLN A 199 -5.81 13.82 14.47
N ILE A 200 -5.26 13.36 15.59
CA ILE A 200 -5.40 14.06 16.86
C ILE A 200 -4.09 14.65 17.37
N ALA A 201 -4.17 15.87 17.89
CA ALA A 201 -3.02 16.52 18.49
C ALA A 201 -3.28 16.68 19.99
N ASP A 202 -2.36 16.18 20.81
CA ASP A 202 -2.52 16.30 22.26
C ASP A 202 -1.95 17.62 22.75
N MET A 203 -2.12 17.91 24.04
CA MET A 203 -1.62 19.15 24.60
C MET A 203 -0.11 19.28 24.40
N GLY A 204 0.61 18.21 24.70
CA GLY A 204 2.07 18.19 24.58
C GLY A 204 2.63 18.19 23.18
N GLY A 205 1.78 18.45 22.18
CA GLY A 205 2.25 18.56 20.81
C GLY A 205 2.41 17.25 20.03
N ARG A 206 2.07 16.13 20.65
CA ARG A 206 2.18 14.84 19.97
C ARG A 206 0.98 14.59 19.06
N VAL A 207 1.16 13.71 18.07
CA VAL A 207 0.11 13.40 17.13
C VAL A 207 -0.13 11.90 16.99
N PHE A 208 -1.39 11.52 16.76
CA PHE A 208 -1.76 10.12 16.54
C PHE A 208 -3.10 10.03 15.82
N THR A 209 -3.44 8.84 15.33
CA THR A 209 -4.67 8.66 14.56
C THR A 209 -5.72 7.78 15.25
N LYS A 210 -6.97 7.97 14.87
CA LYS A 210 -8.08 7.25 15.48
C LYS A 210 -9.28 7.21 14.51
N ILE A 211 -10.32 6.47 14.89
CA ILE A 211 -11.52 6.36 14.05
C ILE A 211 -12.68 7.14 14.65
N MET A 212 -13.43 7.83 13.79
CA MET A 212 -14.63 8.55 14.21
C MET A 212 -15.76 8.15 13.27
N TYR A 213 -16.83 7.57 13.81
CA TYR A 213 -17.91 7.06 12.98
C TYR A 213 -19.33 7.42 13.42
N SER A 214 -20.30 7.10 12.57
CA SER A 214 -21.70 7.39 12.82
C SER A 214 -22.63 6.29 12.31
N GLU A 215 -23.51 5.82 13.18
CA GLU A 215 -24.47 4.78 12.81
C GLU A 215 -25.79 5.39 12.34
N ASP A 216 -25.91 6.71 12.43
CA ASP A 216 -27.18 7.36 12.08
C ASP A 216 -27.11 8.46 11.01
N ASP A 217 -26.28 8.23 9.98
CA ASP A 217 -26.18 9.15 8.84
C ASP A 217 -25.86 10.61 9.16
N GLY A 218 -25.13 10.87 10.25
CA GLY A 218 -24.72 12.23 10.54
C GLY A 218 -25.23 12.90 11.81
N ASN A 219 -26.21 12.30 12.47
CA ASN A 219 -26.74 12.87 13.70
C ASN A 219 -25.73 12.83 14.84
N THR A 220 -25.22 11.63 15.13
CA THR A 220 -24.26 11.45 16.21
C THR A 220 -22.92 10.94 15.70
N TRP A 221 -21.89 11.06 16.53
CA TRP A 221 -20.56 10.60 16.19
C TRP A 221 -19.88 9.99 17.41
N LYS A 222 -19.24 8.85 17.22
CA LYS A 222 -18.53 8.19 18.31
C LYS A 222 -17.05 8.05 17.96
N PHE A 223 -16.20 8.07 18.97
CA PHE A 223 -14.78 7.87 18.78
C PHE A 223 -14.39 6.48 19.23
N ALA A 224 -13.85 5.68 18.32
CA ALA A 224 -13.42 4.32 18.65
C ALA A 224 -12.35 4.35 19.73
N GLU A 225 -12.20 3.22 20.43
CA GLU A 225 -11.25 3.14 21.54
C GLU A 225 -9.79 2.97 21.13
N GLY A 226 -9.56 2.30 20.01
CA GLY A 226 -8.21 2.04 19.54
C GLY A 226 -7.45 3.29 19.08
N ARG A 227 -6.18 3.10 18.72
CA ARG A 227 -5.35 4.20 18.25
C ARG A 227 -4.02 3.72 17.68
N SER A 228 -3.32 4.60 16.99
CA SER A 228 -2.02 4.28 16.41
C SER A 228 -0.91 4.67 17.37
N LYS A 229 0.33 4.46 16.94
CA LYS A 229 1.48 4.88 17.72
C LYS A 229 1.66 6.38 17.51
N PHE A 230 2.47 7.01 18.34
CA PHE A 230 2.72 8.44 18.20
C PHE A 230 3.53 8.69 16.93
N GLY A 231 3.22 9.78 16.24
CA GLY A 231 3.95 10.13 15.02
C GLY A 231 3.14 9.93 13.75
N CYS A 232 2.03 9.21 13.84
CA CYS A 232 1.18 8.95 12.68
C CYS A 232 0.24 10.11 12.41
N SER A 233 0.10 10.49 11.14
CA SER A 233 -0.78 11.58 10.75
C SER A 233 -1.43 11.31 9.40
N GLU A 234 -2.27 12.24 8.95
CA GLU A 234 -3.00 12.12 7.68
C GLU A 234 -3.28 10.68 7.27
N PRO A 235 -4.09 9.99 8.07
CA PRO A 235 -4.43 8.59 7.80
C PRO A 235 -5.55 8.42 6.78
N ALA A 236 -5.55 7.28 6.10
CA ALA A 236 -6.57 6.96 5.11
C ALA A 236 -7.08 5.55 5.38
N VAL A 237 -8.39 5.35 5.27
CA VAL A 237 -8.98 4.06 5.57
C VAL A 237 -9.85 3.49 4.44
N LEU A 238 -9.95 2.16 4.42
CA LEU A 238 -10.83 1.44 3.50
C LEU A 238 -11.29 0.15 4.16
N GLU A 239 -12.23 -0.55 3.52
CA GLU A 239 -12.76 -1.79 4.07
C GLU A 239 -12.33 -2.99 3.23
N TRP A 240 -11.84 -4.03 3.89
CA TRP A 240 -11.37 -5.22 3.18
C TRP A 240 -11.66 -6.51 3.93
N GLU A 241 -12.36 -7.43 3.26
CA GLU A 241 -12.73 -8.73 3.81
C GLU A 241 -13.12 -8.71 5.29
N GLY A 242 -13.99 -7.76 5.66
CA GLY A 242 -14.49 -7.67 7.02
C GLY A 242 -13.78 -6.71 7.94
N LYS A 243 -12.56 -6.30 7.59
CA LYS A 243 -11.78 -5.41 8.45
C LYS A 243 -11.61 -4.01 7.87
N LEU A 244 -11.14 -3.10 8.72
CA LEU A 244 -10.80 -1.75 8.31
C LEU A 244 -9.28 -1.68 8.21
N ILE A 245 -8.78 -1.07 7.14
CA ILE A 245 -7.34 -0.94 6.96
C ILE A 245 -6.91 0.53 7.02
N ILE A 246 -6.03 0.83 7.96
CA ILE A 246 -5.61 2.22 8.20
C ILE A 246 -4.15 2.46 7.76
N ASN A 247 -3.99 3.33 6.76
CA ASN A 247 -2.68 3.64 6.18
C ASN A 247 -2.22 5.05 6.53
N ASN A 248 -1.22 5.15 7.41
CA ASN A 248 -0.77 6.45 7.93
C ASN A 248 0.43 7.10 7.27
N ARG A 249 0.49 8.44 7.41
CA ARG A 249 1.64 9.22 6.98
C ARG A 249 2.59 9.24 8.18
N VAL A 250 3.89 9.14 7.94
CA VAL A 250 4.84 9.12 9.04
C VAL A 250 6.13 9.88 8.73
N ASP A 251 6.16 11.16 9.07
CA ASP A 251 7.34 11.98 8.83
C ASP A 251 8.59 11.40 9.49
N GLY A 252 9.63 11.19 8.68
CA GLY A 252 10.91 10.69 9.19
C GLY A 252 11.01 9.20 9.46
N ASN A 253 10.11 8.42 8.87
CA ASN A 253 10.13 6.97 9.06
C ASN A 253 9.12 6.29 8.14
N ARG A 254 9.25 4.97 7.97
CA ARG A 254 8.37 4.21 7.08
C ARG A 254 6.89 4.29 7.50
N ARG A 255 6.00 3.99 6.56
CA ARG A 255 4.56 4.09 6.81
C ARG A 255 3.96 2.90 7.56
N LEU A 256 3.21 3.19 8.61
CA LEU A 256 2.58 2.17 9.44
C LEU A 256 1.13 1.88 9.01
N VAL A 257 0.75 0.60 9.04
CA VAL A 257 -0.59 0.18 8.66
C VAL A 257 -1.20 -0.75 9.71
N TYR A 258 -2.47 -0.55 10.03
CA TYR A 258 -3.16 -1.36 11.05
C TYR A 258 -4.45 -2.00 10.54
N GLU A 259 -4.94 -2.99 11.28
CA GLU A 259 -6.20 -3.68 10.96
C GLU A 259 -7.16 -3.63 12.16
N SER A 260 -8.45 -3.81 11.89
CA SER A 260 -9.46 -3.80 12.95
C SER A 260 -10.78 -4.45 12.55
N SER A 261 -11.16 -5.51 13.27
CA SER A 261 -12.37 -6.27 12.96
C SER A 261 -13.63 -5.73 13.67
N ASP A 262 -13.45 -4.78 14.58
CA ASP A 262 -14.58 -4.28 15.35
C ASP A 262 -14.80 -2.76 15.28
N MET A 263 -14.96 -2.24 14.07
CA MET A 263 -15.23 -0.83 13.85
C MET A 263 -14.31 0.12 14.62
N GLY A 264 -13.07 -0.32 14.87
CA GLY A 264 -12.09 0.51 15.53
C GLY A 264 -11.78 0.19 16.99
N LYS A 265 -12.56 -0.70 17.60
CA LYS A 265 -12.38 -1.05 19.01
C LYS A 265 -10.95 -1.47 19.36
N THR A 266 -10.35 -2.34 18.54
CA THR A 266 -8.97 -2.78 18.78
C THR A 266 -8.15 -2.82 17.50
N TRP A 267 -6.91 -2.32 17.58
CA TRP A 267 -6.03 -2.26 16.41
C TRP A 267 -4.83 -3.19 16.50
N VAL A 268 -4.51 -3.83 15.39
CA VAL A 268 -3.35 -4.71 15.29
C VAL A 268 -2.52 -4.26 14.09
N GLU A 269 -1.20 -4.19 14.26
CA GLU A 269 -0.34 -3.80 13.15
C GLU A 269 -0.33 -4.89 12.08
N ALA A 270 -0.36 -4.48 10.82
CA ALA A 270 -0.41 -5.43 9.70
C ALA A 270 0.98 -5.89 9.26
N LEU A 271 1.69 -6.55 10.16
CA LEU A 271 3.05 -7.01 9.89
C LEU A 271 3.15 -8.09 8.81
N GLY A 272 2.03 -8.76 8.53
CA GLY A 272 2.03 -9.83 7.55
C GLY A 272 1.44 -9.46 6.20
N THR A 273 1.34 -8.16 5.93
CA THR A 273 0.76 -7.71 4.67
C THR A 273 1.34 -6.40 4.12
N LEU A 274 0.89 -5.26 4.65
CA LEU A 274 1.27 -3.97 4.09
C LEU A 274 2.12 -3.05 4.97
N SER A 275 2.17 -3.30 6.28
CA SER A 275 2.91 -2.43 7.18
C SER A 275 4.39 -2.28 6.81
N HIS A 276 4.85 -1.03 6.77
CA HIS A 276 6.25 -0.70 6.46
C HIS A 276 6.68 -0.90 5.01
N VAL A 277 5.73 -1.20 4.13
CA VAL A 277 6.04 -1.41 2.73
C VAL A 277 6.43 -0.11 2.03
N TRP A 278 5.64 0.94 2.24
CA TRP A 278 5.88 2.22 1.60
C TRP A 278 6.54 3.22 2.56
N THR A 279 7.32 4.15 1.99
CA THR A 279 8.04 5.13 2.80
C THR A 279 8.07 6.52 2.16
N ASN A 280 8.85 7.43 2.75
CA ASN A 280 8.90 8.83 2.31
C ASN A 280 10.02 9.20 1.36
N SER A 281 11.00 8.32 1.20
CA SER A 281 12.15 8.59 0.35
C SER A 281 13.17 7.47 0.49
N PRO A 282 14.15 7.42 -0.41
CA PRO A 282 15.17 6.37 -0.39
C PRO A 282 15.80 6.19 1.00
N THR A 283 16.04 7.29 1.70
CA THR A 283 16.67 7.23 3.02
C THR A 283 15.65 7.14 4.17
N SER A 284 14.40 7.43 3.85
CA SER A 284 13.30 7.33 4.82
C SER A 284 13.39 8.30 6.00
N ASN A 285 14.16 9.38 5.85
CA ASN A 285 14.28 10.36 6.93
C ASN A 285 13.82 11.75 6.49
N GLN A 286 13.14 11.80 5.34
CA GLN A 286 12.63 13.05 4.82
C GLN A 286 11.18 13.25 5.23
N GLN A 287 10.65 14.43 4.92
CA GLN A 287 9.27 14.77 5.18
C GLN A 287 8.38 13.83 4.37
N ASP A 288 7.28 13.37 4.96
CA ASP A 288 6.38 12.46 4.27
C ASP A 288 5.30 13.23 3.50
N CYS A 289 4.33 12.50 2.96
CA CYS A 289 3.28 13.12 2.16
C CYS A 289 1.96 12.35 2.22
N GLN A 290 0.88 13.04 1.84
CA GLN A 290 -0.45 12.45 1.82
C GLN A 290 -0.56 11.37 0.75
N SER A 291 -1.53 10.48 0.90
CA SER A 291 -1.73 9.39 -0.06
C SER A 291 -3.20 8.99 -0.16
N SER A 292 -3.58 8.47 -1.31
CA SER A 292 -4.94 7.97 -1.51
C SER A 292 -4.94 6.45 -1.39
N PHE A 293 -5.99 5.92 -0.78
CA PHE A 293 -6.12 4.50 -0.53
C PHE A 293 -7.57 4.13 -0.82
N VAL A 294 -7.82 3.56 -2.01
CA VAL A 294 -9.18 3.28 -2.43
C VAL A 294 -9.41 1.85 -2.94
N ALA A 295 -10.55 1.27 -2.57
CA ALA A 295 -10.92 -0.07 -2.99
C ALA A 295 -11.80 -0.04 -4.24
N VAL A 296 -11.47 -0.87 -5.22
CA VAL A 296 -12.23 -0.95 -6.46
C VAL A 296 -12.31 -2.39 -6.96
N THR A 297 -13.20 -2.62 -7.92
CA THR A 297 -13.33 -3.94 -8.53
C THR A 297 -12.94 -3.88 -9.99
N ILE A 298 -11.93 -4.66 -10.36
CA ILE A 298 -11.48 -4.71 -11.74
C ILE A 298 -11.60 -6.14 -12.27
N GLU A 299 -12.23 -6.28 -13.43
CA GLU A 299 -12.45 -7.58 -14.05
C GLU A 299 -12.98 -8.60 -13.03
N GLY A 300 -13.93 -8.16 -12.22
CA GLY A 300 -14.54 -9.02 -11.22
C GLY A 300 -13.69 -9.34 -10.01
N LYS A 301 -12.63 -8.57 -9.79
CA LYS A 301 -11.76 -8.81 -8.64
C LYS A 301 -11.55 -7.55 -7.80
N ARG A 302 -11.82 -7.68 -6.50
CA ARG A 302 -11.65 -6.57 -5.56
C ARG A 302 -10.17 -6.36 -5.27
N VAL A 303 -9.69 -5.14 -5.49
CA VAL A 303 -8.29 -4.80 -5.24
C VAL A 303 -8.15 -3.42 -4.60
N MET A 304 -6.91 -3.05 -4.26
CA MET A 304 -6.65 -1.77 -3.60
C MET A 304 -5.68 -0.89 -4.38
N LEU A 305 -6.02 0.39 -4.50
CA LEU A 305 -5.17 1.37 -5.20
C LEU A 305 -4.48 2.31 -4.21
N PHE A 306 -3.17 2.46 -4.36
CA PHE A 306 -2.38 3.32 -3.48
C PHE A 306 -1.49 4.27 -4.28
N THR A 307 -1.41 5.52 -3.84
CA THR A 307 -0.58 6.53 -4.51
C THR A 307 0.41 7.17 -3.54
N HIS A 308 1.52 7.68 -4.07
CA HIS A 308 2.56 8.27 -3.25
C HIS A 308 3.73 8.67 -4.13
N PRO A 309 4.30 9.86 -3.89
CA PRO A 309 5.47 10.32 -4.64
C PRO A 309 6.74 9.63 -4.16
N LEU A 310 7.75 9.52 -5.02
CA LEU A 310 9.01 8.92 -4.63
C LEU A 310 9.86 9.91 -3.82
N ASN A 311 9.70 11.19 -4.15
CA ASN A 311 10.42 12.26 -3.45
C ASN A 311 11.94 12.12 -3.53
N LEU A 312 12.45 11.93 -4.74
CA LEU A 312 13.89 11.78 -4.96
C LEU A 312 14.66 13.06 -4.62
N LYS A 313 13.98 14.20 -4.66
CA LYS A 313 14.61 15.48 -4.38
C LYS A 313 14.66 15.78 -2.88
N GLY A 314 13.85 15.06 -2.12
CA GLY A 314 13.81 15.25 -0.68
C GLY A 314 12.97 16.43 -0.25
N ARG A 315 12.72 16.53 1.07
CA ARG A 315 11.94 17.62 1.64
C ARG A 315 10.52 17.69 1.06
N TRP A 316 10.04 18.89 0.77
CA TRP A 316 8.68 19.08 0.29
C TRP A 316 8.53 19.00 -1.24
N MET A 317 9.63 18.78 -1.94
CA MET A 317 9.62 18.75 -3.40
C MET A 317 8.61 17.74 -3.97
N ARG A 318 8.48 16.60 -3.30
CA ARG A 318 7.50 15.57 -3.68
C ARG A 318 7.43 15.31 -5.18
N ASP A 319 8.51 14.80 -5.75
CA ASP A 319 8.57 14.52 -7.19
C ASP A 319 8.32 13.05 -7.51
N ARG A 320 8.00 12.79 -8.77
CA ARG A 320 7.77 11.42 -9.29
C ARG A 320 6.66 10.65 -8.57
N LEU A 321 5.41 11.01 -8.85
CA LEU A 321 4.23 10.39 -8.23
C LEU A 321 3.86 9.05 -8.86
N HIS A 322 3.87 7.98 -8.06
CA HIS A 322 3.56 6.64 -8.53
C HIS A 322 2.14 6.16 -8.20
N LEU A 323 1.82 4.96 -8.68
CA LEU A 323 0.51 4.33 -8.43
C LEU A 323 0.67 2.82 -8.26
N TRP A 324 0.18 2.28 -7.16
CA TRP A 324 0.30 0.86 -6.87
C TRP A 324 -1.05 0.14 -6.83
N MET A 325 -1.03 -1.16 -7.07
CA MET A 325 -2.23 -1.99 -7.00
C MET A 325 -1.94 -3.27 -6.21
N THR A 326 -2.77 -3.56 -5.22
CA THR A 326 -2.55 -4.74 -4.38
C THR A 326 -3.83 -5.51 -4.05
N ASP A 327 -3.67 -6.80 -3.80
CA ASP A 327 -4.80 -7.67 -3.43
C ASP A 327 -4.58 -8.23 -2.03
N ASN A 328 -3.86 -7.48 -1.21
CA ASN A 328 -3.53 -7.88 0.15
C ASN A 328 -2.63 -9.11 0.19
N GLN A 329 -2.04 -9.42 -0.97
CA GLN A 329 -1.12 -10.55 -1.10
C GLN A 329 0.01 -10.14 -2.03
N ARG A 330 -0.31 -9.85 -3.28
CA ARG A 330 0.67 -9.39 -4.25
C ARG A 330 0.64 -7.86 -4.29
N ILE A 331 1.73 -7.25 -4.75
CA ILE A 331 1.83 -5.80 -4.83
C ILE A 331 2.48 -5.37 -6.15
N PHE A 332 1.72 -4.68 -7.00
CA PHE A 332 2.20 -4.31 -8.34
C PHE A 332 2.39 -2.82 -8.56
N ASP A 333 3.56 -2.45 -9.08
CA ASP A 333 3.88 -1.06 -9.40
C ASP A 333 3.34 -0.72 -10.79
N VAL A 334 2.31 0.12 -10.83
CA VAL A 334 1.69 0.51 -12.11
C VAL A 334 2.50 1.57 -12.86
N GLY A 335 3.53 2.11 -12.21
CA GLY A 335 4.39 3.09 -12.84
C GLY A 335 4.24 4.50 -12.31
N GLN A 336 4.86 5.45 -12.99
CA GLN A 336 4.78 6.86 -12.63
C GLN A 336 3.64 7.53 -13.38
N ILE A 337 2.91 8.42 -12.71
CA ILE A 337 1.77 9.07 -13.35
C ILE A 337 2.00 10.58 -13.58
N SER A 338 3.03 11.13 -12.95
CA SER A 338 3.38 12.53 -13.16
C SER A 338 4.36 12.61 -14.33
N ILE A 339 4.63 13.82 -14.81
CA ILE A 339 5.52 13.98 -15.96
C ILE A 339 6.96 14.33 -15.59
N GLY A 340 7.89 13.50 -16.06
CA GLY A 340 9.31 13.73 -15.82
C GLY A 340 9.68 13.94 -14.36
N ASP A 341 10.47 14.98 -14.11
CA ASP A 341 10.95 15.27 -12.77
C ASP A 341 10.25 16.48 -12.15
N GLU A 342 9.05 16.79 -12.64
CA GLU A 342 8.28 17.90 -12.09
C GLU A 342 7.99 17.65 -10.62
N ASN A 343 7.53 18.69 -9.92
CA ASN A 343 7.17 18.56 -8.52
C ASN A 343 5.66 18.37 -8.37
N SER A 344 5.27 17.30 -7.68
CA SER A 344 3.85 17.01 -7.49
C SER A 344 3.42 17.28 -6.05
N GLY A 345 2.72 16.32 -5.45
CA GLY A 345 2.27 16.47 -4.07
C GLY A 345 1.08 15.60 -3.72
N TYR A 346 0.10 16.18 -3.03
CA TYR A 346 -1.12 15.47 -2.66
C TYR A 346 -1.80 14.96 -3.93
N SER A 347 -2.62 13.93 -3.81
CA SER A 347 -3.28 13.36 -4.99
C SER A 347 -4.60 12.63 -4.70
N SER A 348 -5.29 12.27 -5.77
CA SER A 348 -6.58 11.57 -5.67
C SER A 348 -6.81 10.68 -6.89
N VAL A 349 -7.51 9.57 -6.70
CA VAL A 349 -7.81 8.64 -7.79
C VAL A 349 -9.25 8.16 -7.76
N LEU A 350 -9.84 7.98 -8.94
CA LEU A 350 -11.24 7.57 -9.05
C LEU A 350 -11.51 6.64 -10.24
N TYR A 351 -12.28 5.58 -9.98
CA TYR A 351 -12.67 4.61 -11.01
C TYR A 351 -14.16 4.78 -11.25
N LYS A 352 -14.52 5.23 -12.45
CA LYS A 352 -15.92 5.50 -12.77
C LYS A 352 -16.32 4.98 -14.15
N ASP A 353 -17.45 4.27 -14.20
CA ASP A 353 -17.97 3.72 -15.45
C ASP A 353 -16.84 3.18 -16.34
N ASP A 354 -16.07 2.25 -15.78
CA ASP A 354 -14.94 1.61 -16.45
C ASP A 354 -13.90 2.58 -17.02
N LYS A 355 -13.62 3.65 -16.28
CA LYS A 355 -12.58 4.60 -16.67
C LYS A 355 -11.82 5.07 -15.43
N LEU A 356 -10.52 5.27 -15.58
CA LEU A 356 -9.67 5.68 -14.46
C LEU A 356 -9.27 7.15 -14.55
N TYR A 357 -9.33 7.86 -13.43
CA TYR A 357 -9.01 9.29 -13.41
C TYR A 357 -8.17 9.68 -12.20
N SER A 358 -7.45 10.80 -12.33
CA SER A 358 -6.63 11.30 -11.24
C SER A 358 -6.61 12.83 -11.15
N LEU A 359 -6.51 13.33 -9.93
CA LEU A 359 -6.43 14.77 -9.67
C LEU A 359 -5.28 14.96 -8.69
N HIS A 360 -4.22 15.65 -9.12
CA HIS A 360 -3.07 15.87 -8.24
C HIS A 360 -2.38 17.22 -8.42
N GLU A 361 -1.40 17.48 -7.55
CA GLU A 361 -0.69 18.75 -7.53
C GLU A 361 0.56 18.80 -8.41
N ILE A 362 0.86 20.00 -8.90
CA ILE A 362 2.12 20.26 -9.60
C ILE A 362 2.70 21.55 -9.00
N ASN A 363 3.99 21.54 -8.72
CA ASN A 363 4.62 22.67 -8.03
C ASN A 363 5.83 23.27 -8.75
N THR A 364 5.83 24.59 -8.89
CA THR A 364 6.93 25.33 -9.49
C THR A 364 7.09 26.67 -8.78
N ASN A 365 8.21 26.82 -8.07
CA ASN A 365 8.48 28.04 -7.29
C ASN A 365 7.53 28.22 -6.12
N ASP A 366 6.83 27.14 -5.78
CA ASP A 366 5.87 27.13 -4.67
C ASP A 366 4.56 27.83 -5.03
N VAL A 367 4.14 27.62 -6.28
CA VAL A 367 2.86 28.08 -6.77
C VAL A 367 2.20 26.80 -7.27
N TYR A 368 1.03 26.47 -6.75
CA TYR A 368 0.41 25.17 -7.07
C TYR A 368 -0.80 25.21 -7.98
N SER A 369 -0.86 24.22 -8.87
CA SER A 369 -1.99 24.02 -9.77
C SER A 369 -2.53 22.62 -9.56
N LEU A 370 -3.70 22.33 -10.12
CA LEU A 370 -4.29 21.00 -9.99
C LEU A 370 -4.62 20.41 -11.35
N VAL A 371 -3.94 19.32 -11.69
CA VAL A 371 -4.15 18.68 -12.99
C VAL A 371 -5.16 17.54 -12.94
N PHE A 372 -6.01 17.46 -13.95
CA PHE A 372 -6.99 16.40 -14.10
C PHE A 372 -6.46 15.44 -15.15
N VAL A 373 -6.28 14.17 -14.78
CA VAL A 373 -5.65 13.20 -15.67
C VAL A 373 -6.53 12.03 -16.09
N ARG A 374 -6.25 11.49 -17.27
CA ARG A 374 -6.97 10.34 -17.80
C ARG A 374 -6.00 9.16 -17.93
N LEU A 375 -6.19 8.15 -17.07
CA LEU A 375 -5.33 6.98 -17.07
C LEU A 375 -5.76 5.92 -18.07
N ILE A 376 -5.58 6.21 -19.35
CA ILE A 376 -5.94 5.30 -20.43
C ILE A 376 -5.00 4.10 -20.48
N GLY A 377 -3.70 4.38 -20.49
CA GLY A 377 -2.69 3.34 -20.57
C GLY A 377 -2.48 2.58 -19.27
N GLU A 378 -2.60 3.28 -18.15
CA GLU A 378 -2.43 2.65 -16.85
C GLU A 378 -3.49 1.57 -16.62
N LEU A 379 -4.75 1.91 -16.90
CA LEU A 379 -5.85 0.98 -16.71
C LEU A 379 -5.66 -0.27 -17.57
N GLN A 380 -5.15 -0.07 -18.78
CA GLN A 380 -4.89 -1.18 -19.69
C GLN A 380 -3.97 -2.19 -19.01
N LEU A 381 -2.82 -1.69 -18.54
CA LEU A 381 -1.85 -2.52 -17.83
C LEU A 381 -2.50 -3.22 -16.65
N MET A 382 -3.22 -2.44 -15.84
CA MET A 382 -3.90 -2.96 -14.66
C MET A 382 -4.83 -4.12 -15.01
N LYS A 383 -5.67 -3.93 -16.03
CA LYS A 383 -6.59 -4.97 -16.46
C LYS A 383 -5.88 -6.26 -16.84
N SER A 384 -4.72 -6.13 -17.47
CA SER A 384 -3.93 -7.28 -17.87
C SER A 384 -3.43 -8.06 -16.65
N VAL A 385 -2.82 -7.35 -15.72
CA VAL A 385 -2.27 -7.95 -14.51
C VAL A 385 -3.29 -8.72 -13.68
N VAL A 386 -4.52 -8.21 -13.63
CA VAL A 386 -5.57 -8.90 -12.87
C VAL A 386 -5.94 -10.21 -13.56
N ARG A 387 -6.08 -10.18 -14.88
CA ARG A 387 -6.40 -11.37 -15.64
C ARG A 387 -5.41 -12.50 -15.38
N THR A 388 -4.15 -12.13 -15.10
CA THR A 388 -3.12 -13.12 -14.79
C THR A 388 -3.39 -13.76 -13.42
N TRP A 389 -3.52 -12.92 -12.40
CA TRP A 389 -3.78 -13.40 -11.05
C TRP A 389 -5.00 -14.33 -11.03
N LYS A 390 -6.08 -13.88 -11.67
CA LYS A 390 -7.30 -14.66 -11.75
C LYS A 390 -7.06 -16.02 -12.39
N GLU A 391 -6.45 -16.01 -13.57
CA GLU A 391 -6.21 -17.24 -14.33
C GLU A 391 -5.32 -18.26 -13.63
N GLU A 392 -4.18 -17.83 -13.12
CA GLU A 392 -3.25 -18.76 -12.46
C GLU A 392 -3.83 -19.34 -11.16
N ASP A 393 -4.47 -18.49 -10.36
CA ASP A 393 -5.08 -18.93 -9.10
C ASP A 393 -6.06 -20.07 -9.32
N ASN A 394 -7.00 -19.87 -10.24
CA ASN A 394 -8.01 -20.88 -10.54
C ASN A 394 -7.39 -22.17 -11.04
N HIS A 395 -6.41 -22.05 -11.94
CA HIS A 395 -5.72 -23.21 -12.50
C HIS A 395 -5.17 -24.09 -11.38
N LEU A 396 -4.40 -23.48 -10.47
CA LEU A 396 -3.83 -24.20 -9.34
C LEU A 396 -4.90 -24.80 -8.44
N ALA A 397 -6.04 -24.12 -8.35
CA ALA A 397 -7.12 -24.57 -7.49
C ALA A 397 -8.05 -25.61 -8.13
N SER A 398 -7.68 -26.08 -9.32
CA SER A 398 -8.52 -27.05 -10.03
C SER A 398 -7.91 -28.45 -10.13
N ILE A 399 -6.63 -28.56 -9.79
CA ILE A 399 -5.92 -29.84 -9.89
C ILE A 399 -6.42 -30.88 -8.89
N CYS A 400 -6.66 -32.09 -9.39
CA CYS A 400 -7.09 -33.20 -8.55
C CYS A 400 -5.88 -33.86 -7.92
N THR A 401 -5.76 -33.75 -6.60
CA THR A 401 -4.63 -34.32 -5.87
C THR A 401 -4.99 -35.69 -5.29
N PRO A 402 -3.96 -36.51 -5.06
CA PRO A 402 -4.17 -37.86 -4.51
C PRO A 402 -5.01 -37.86 -3.24
N VAL A 403 -5.72 -38.95 -3.01
CA VAL A 403 -6.51 -39.10 -1.79
C VAL A 403 -5.63 -39.77 -0.74
N VAL A 404 -5.69 -39.25 0.48
CA VAL A 404 -4.89 -39.79 1.56
C VAL A 404 -5.73 -40.75 2.40
N PRO A 405 -5.16 -41.90 2.76
CA PRO A 405 -5.86 -42.87 3.60
C PRO A 405 -6.36 -42.19 4.86
N ALA A 406 -7.68 -42.16 5.05
CA ALA A 406 -8.27 -41.52 6.22
C ALA A 406 -8.69 -42.54 7.27
N GLY A 413 -13.76 -37.88 -4.54
CA GLY A 413 -13.20 -37.68 -5.87
C GLY A 413 -11.74 -37.26 -5.79
N CYS A 414 -11.47 -36.16 -5.08
CA CYS A 414 -10.11 -35.63 -4.98
C CYS A 414 -9.66 -35.42 -3.54
N GLY A 415 -8.39 -35.09 -3.38
CA GLY A 415 -7.83 -34.78 -2.08
C GLY A 415 -7.86 -33.28 -1.87
N ALA A 416 -7.28 -32.82 -0.76
CA ALA A 416 -7.25 -31.39 -0.48
C ALA A 416 -6.68 -30.61 -1.65
N ALA A 417 -7.21 -29.40 -1.86
CA ALA A 417 -6.77 -28.57 -2.98
C ALA A 417 -5.40 -27.95 -2.76
N VAL A 418 -4.75 -27.55 -3.85
CA VAL A 418 -3.46 -26.88 -3.77
C VAL A 418 -3.72 -25.49 -3.19
N PRO A 419 -3.09 -25.18 -2.07
CA PRO A 419 -3.29 -23.91 -1.38
C PRO A 419 -2.89 -22.70 -2.23
N THR A 420 -3.79 -21.72 -2.32
CA THR A 420 -3.52 -20.50 -3.07
C THR A 420 -3.72 -19.27 -2.21
N ALA A 421 -4.32 -19.47 -1.02
CA ALA A 421 -4.56 -18.37 -0.09
C ALA A 421 -3.26 -17.98 0.61
N GLY A 422 -2.75 -16.79 0.29
CA GLY A 422 -1.51 -16.32 0.86
C GLY A 422 -0.35 -16.49 -0.10
N LEU A 423 -0.65 -16.98 -1.29
CA LEU A 423 0.36 -17.20 -2.33
C LEU A 423 0.82 -15.84 -2.88
N VAL A 424 2.06 -15.48 -2.58
CA VAL A 424 2.59 -14.18 -2.96
C VAL A 424 3.42 -14.17 -4.26
N GLY A 425 4.28 -15.17 -4.42
CA GLY A 425 5.14 -15.24 -5.60
C GLY A 425 5.36 -16.64 -6.12
N PHE A 426 5.70 -16.75 -7.40
CA PHE A 426 5.90 -18.05 -8.03
C PHE A 426 6.94 -17.99 -9.16
N LEU A 427 7.99 -18.79 -9.03
CA LEU A 427 9.03 -18.87 -10.05
C LEU A 427 8.95 -20.25 -10.70
N SER A 428 8.81 -20.29 -12.02
CA SER A 428 8.68 -21.56 -12.72
C SER A 428 9.49 -21.66 -14.01
N HIS A 429 8.83 -22.10 -15.07
CA HIS A 429 9.46 -22.34 -16.37
C HIS A 429 10.04 -21.09 -17.06
N SER A 430 9.26 -20.02 -17.10
CA SER A 430 9.66 -18.80 -17.79
C SER A 430 10.89 -18.13 -17.20
N ALA A 431 11.89 -17.85 -18.04
CA ALA A 431 13.13 -17.21 -17.62
C ALA A 431 13.99 -16.77 -18.80
N ASN A 432 14.52 -15.55 -18.75
CA ASN A 432 15.37 -15.04 -19.81
C ASN A 432 16.50 -14.12 -19.34
N GLY A 433 17.63 -14.19 -20.02
CA GLY A 433 18.79 -13.37 -19.68
C GLY A 433 19.27 -13.64 -18.26
N SER A 434 19.34 -12.57 -17.47
CA SER A 434 19.74 -12.69 -16.08
C SER A 434 18.52 -12.55 -15.17
N VAL A 435 17.35 -12.86 -15.72
CA VAL A 435 16.09 -12.71 -14.99
C VAL A 435 15.24 -13.99 -14.92
N TRP A 436 14.80 -14.34 -13.72
CA TRP A 436 13.88 -15.44 -13.51
C TRP A 436 12.52 -14.78 -13.26
N GLU A 437 11.56 -15.05 -14.14
CA GLU A 437 10.27 -14.35 -14.10
C GLU A 437 9.25 -14.79 -13.05
N ASP A 438 8.64 -13.79 -12.41
CA ASP A 438 7.60 -14.00 -11.42
C ASP A 438 6.27 -14.25 -12.10
N VAL A 439 5.76 -15.48 -11.99
CA VAL A 439 4.49 -15.85 -12.62
C VAL A 439 3.38 -14.85 -12.30
N TYR A 440 3.44 -14.25 -11.11
CA TYR A 440 2.43 -13.27 -10.71
C TYR A 440 2.80 -11.84 -11.09
N ARG A 441 3.87 -11.70 -11.86
CA ARG A 441 4.30 -10.43 -12.45
C ARG A 441 4.63 -9.25 -11.53
N CYS A 442 5.18 -9.54 -10.35
CA CYS A 442 5.51 -8.45 -9.42
C CYS A 442 6.99 -8.31 -9.08
N VAL A 443 7.59 -9.38 -8.56
CA VAL A 443 9.00 -9.32 -8.15
C VAL A 443 9.83 -10.44 -8.76
N ASP A 444 10.58 -10.11 -9.81
CA ASP A 444 11.44 -11.08 -10.47
C ASP A 444 12.70 -11.35 -9.65
N ALA A 445 13.44 -12.38 -10.03
CA ALA A 445 14.67 -12.74 -9.33
C ALA A 445 15.86 -12.69 -10.28
N ASN A 446 16.96 -12.11 -9.82
CA ASN A 446 18.16 -11.98 -10.64
C ASN A 446 18.94 -13.30 -10.69
N VAL A 447 19.48 -13.62 -11.86
CA VAL A 447 20.13 -14.91 -12.09
C VAL A 447 21.58 -14.82 -12.59
N ALA A 448 22.31 -15.92 -12.48
CA ALA A 448 23.70 -16.00 -12.93
C ALA A 448 24.16 -17.44 -13.12
N ASN A 449 25.01 -17.67 -14.12
CA ASN A 449 25.54 -18.99 -14.43
C ASN A 449 24.49 -20.10 -14.44
N ALA A 450 23.45 -19.93 -15.26
CA ALA A 450 22.37 -20.91 -15.31
C ALA A 450 22.06 -21.43 -16.71
N GLU A 451 21.29 -22.52 -16.74
CA GLU A 451 20.86 -23.17 -17.97
C GLU A 451 19.43 -23.65 -17.77
N ARG A 452 18.54 -23.22 -18.66
CA ARG A 452 17.11 -23.53 -18.53
C ARG A 452 16.75 -25.02 -18.57
N VAL A 453 15.79 -25.37 -17.72
CA VAL A 453 15.24 -26.72 -17.66
C VAL A 453 13.74 -26.58 -17.37
N PRO A 454 12.96 -27.63 -17.63
CA PRO A 454 11.51 -27.57 -17.40
C PRO A 454 11.13 -27.11 -15.99
N ASN A 455 10.48 -25.95 -15.91
CA ASN A 455 10.01 -25.40 -14.65
C ASN A 455 11.08 -24.80 -13.73
N GLY A 456 12.29 -24.62 -14.24
CA GLY A 456 13.35 -24.07 -13.41
C GLY A 456 14.70 -23.90 -14.07
N LEU A 457 15.75 -23.92 -13.27
CA LEU A 457 17.12 -23.73 -13.75
C LEU A 457 18.12 -24.69 -13.14
N LYS A 458 19.20 -24.96 -13.88
CA LYS A 458 20.30 -25.78 -13.41
C LYS A 458 21.51 -24.88 -13.27
N PHE A 459 22.21 -24.97 -12.14
CA PHE A 459 23.34 -24.08 -11.89
C PHE A 459 24.71 -24.73 -12.08
N ASN A 460 25.64 -23.94 -12.59
CA ASN A 460 27.00 -24.39 -12.86
C ASN A 460 27.94 -23.20 -13.02
N GLY A 461 28.90 -23.08 -12.10
CA GLY A 461 29.87 -22.00 -12.18
C GLY A 461 29.90 -21.11 -10.95
N VAL A 462 30.97 -20.31 -10.84
CA VAL A 462 31.13 -19.39 -9.72
C VAL A 462 29.94 -18.45 -9.59
N GLY A 463 29.22 -18.56 -8.49
CA GLY A 463 28.08 -17.69 -8.23
C GLY A 463 26.76 -18.20 -8.76
N GLY A 464 26.76 -19.38 -9.36
CA GLY A 464 25.54 -19.96 -9.89
C GLY A 464 24.44 -19.92 -8.83
N GLY A 465 23.32 -19.31 -9.17
CA GLY A 465 22.20 -19.19 -8.24
C GLY A 465 21.24 -18.07 -8.59
N ALA A 466 20.26 -17.84 -7.72
CA ALA A 466 19.27 -16.80 -7.94
C ALA A 466 19.02 -15.99 -6.67
N VAL A 467 18.76 -14.70 -6.83
CA VAL A 467 18.51 -13.82 -5.70
C VAL A 467 17.11 -13.22 -5.75
N TRP A 468 16.26 -13.61 -4.80
CA TRP A 468 14.92 -13.07 -4.70
C TRP A 468 14.94 -11.94 -3.69
N PRO A 469 14.97 -10.71 -4.19
CA PRO A 469 15.16 -9.51 -3.38
C PRO A 469 14.09 -9.24 -2.32
N VAL A 470 14.54 -8.97 -1.10
CA VAL A 470 13.65 -8.57 -0.03
C VAL A 470 14.02 -7.13 0.32
N ALA A 471 14.91 -6.94 1.29
CA ALA A 471 15.35 -5.60 1.64
C ALA A 471 16.01 -4.97 0.42
N ARG A 472 16.73 -5.81 -0.34
CA ARG A 472 17.43 -5.36 -1.54
C ARG A 472 16.53 -4.74 -2.60
N GLN A 473 15.22 -4.79 -2.37
CA GLN A 473 14.26 -4.18 -3.30
C GLN A 473 14.46 -2.67 -3.34
N GLY A 474 14.99 -2.12 -2.26
CA GLY A 474 15.28 -0.69 -2.19
C GLY A 474 14.30 0.12 -1.38
N GLN A 475 13.82 1.21 -1.98
CA GLN A 475 12.88 2.12 -1.34
C GLN A 475 11.60 1.42 -0.89
N THR A 476 10.86 0.86 -1.85
CA THR A 476 9.64 0.14 -1.54
C THR A 476 9.97 -1.31 -1.21
N ARG A 477 9.51 -1.79 -0.06
CA ARG A 477 9.82 -3.15 0.37
C ARG A 477 8.59 -4.04 0.41
N ARG A 478 8.25 -4.60 -0.74
CA ARG A 478 7.04 -5.42 -0.92
C ARG A 478 7.03 -6.78 -0.24
N TYR A 479 8.20 -7.32 0.11
CA TYR A 479 8.25 -8.62 0.79
C TYR A 479 8.54 -8.45 2.28
N GLN A 480 8.14 -7.31 2.84
CA GLN A 480 8.38 -7.00 4.24
C GLN A 480 7.76 -8.04 5.20
N PHE A 481 6.73 -8.74 4.72
CA PHE A 481 6.05 -9.73 5.54
C PHE A 481 6.96 -10.88 5.98
N ALA A 482 7.95 -11.20 5.16
CA ALA A 482 8.88 -12.30 5.45
C ALA A 482 9.47 -12.27 6.86
N ASN A 483 9.81 -11.07 7.33
CA ASN A 483 10.40 -10.92 8.67
C ASN A 483 9.46 -11.36 9.79
N TYR A 484 8.16 -11.24 9.56
CA TYR A 484 7.17 -11.65 10.54
C TYR A 484 6.87 -13.14 10.40
N ARG A 485 6.61 -13.56 9.17
CA ARG A 485 6.32 -14.96 8.87
C ARG A 485 6.42 -15.24 7.37
N PHE A 486 6.69 -16.49 7.02
CA PHE A 486 6.77 -16.90 5.62
C PHE A 486 6.87 -18.41 5.45
N THR A 487 6.69 -18.85 4.20
CA THR A 487 6.80 -20.26 3.85
C THR A 487 7.43 -20.37 2.46
N LEU A 488 8.55 -21.07 2.38
CA LEU A 488 9.25 -21.24 1.11
C LEU A 488 9.24 -22.69 0.66
N VAL A 489 8.85 -22.93 -0.59
CA VAL A 489 8.74 -24.28 -1.14
C VAL A 489 9.57 -24.44 -2.40
N ALA A 490 10.07 -25.65 -2.64
CA ALA A 490 10.88 -25.92 -3.83
C ALA A 490 11.14 -27.40 -4.07
N THR A 491 11.21 -27.78 -5.35
CA THR A 491 11.56 -29.13 -5.75
C THR A 491 13.02 -29.08 -6.19
N VAL A 492 13.83 -30.03 -5.74
CA VAL A 492 15.25 -30.00 -6.07
C VAL A 492 15.88 -31.35 -6.36
N THR A 493 17.08 -31.29 -6.95
CA THR A 493 17.91 -32.46 -7.19
C THR A 493 19.35 -32.01 -6.99
N ILE A 494 20.20 -32.90 -6.50
CA ILE A 494 21.60 -32.57 -6.32
C ILE A 494 22.40 -33.25 -7.43
N ASP A 495 23.09 -32.44 -8.23
CA ASP A 495 23.78 -32.94 -9.42
C ASP A 495 25.24 -33.38 -9.24
N GLU A 496 25.94 -32.81 -8.26
CA GLU A 496 27.33 -33.18 -8.02
C GLU A 496 27.74 -33.04 -6.56
N LEU A 497 28.60 -33.95 -6.10
CA LEU A 497 29.08 -33.95 -4.73
C LEU A 497 29.94 -32.72 -4.43
N PRO A 498 29.61 -32.06 -3.32
CA PRO A 498 30.36 -30.87 -2.88
C PRO A 498 31.68 -31.25 -2.20
N LYS A 499 32.57 -30.27 -2.05
CA LYS A 499 33.86 -30.49 -1.42
C LYS A 499 33.69 -30.62 0.09
N GLY A 500 32.84 -29.78 0.65
CA GLY A 500 32.54 -29.79 2.07
C GLY A 500 31.06 -29.56 2.27
N THR A 501 30.70 -28.30 2.51
CA THR A 501 29.30 -27.92 2.68
C THR A 501 28.93 -26.90 1.61
N SER A 502 27.70 -26.96 1.11
CA SER A 502 27.28 -26.05 0.05
C SER A 502 25.82 -25.61 0.23
N PRO A 503 25.52 -24.37 -0.15
CA PRO A 503 24.18 -23.79 0.02
C PRO A 503 23.16 -24.30 -1.00
N LEU A 504 21.91 -24.46 -0.57
CA LEU A 504 20.84 -24.93 -1.45
C LEU A 504 19.65 -23.97 -1.50
N LEU A 505 19.31 -23.38 -0.37
CA LEU A 505 18.12 -22.52 -0.29
C LEU A 505 17.91 -21.94 1.11
N GLY A 506 17.48 -20.69 1.19
CA GLY A 506 17.18 -20.07 2.47
C GLY A 506 17.02 -18.56 2.46
N ALA A 507 17.08 -17.97 3.66
CA ALA A 507 16.94 -16.53 3.82
C ALA A 507 18.17 -15.94 4.52
N GLY A 508 18.73 -14.88 3.96
CA GLY A 508 19.91 -14.23 4.52
C GLY A 508 19.60 -12.86 5.09
N LEU A 509 20.46 -12.39 5.99
CA LEU A 509 20.23 -11.11 6.67
C LEU A 509 21.20 -10.00 6.27
N GLU A 510 20.72 -8.76 6.38
CA GLU A 510 21.54 -7.59 6.13
C GLU A 510 22.59 -7.49 7.24
N GLY A 511 23.72 -6.87 6.95
CA GLY A 511 24.75 -6.71 7.96
C GLY A 511 26.02 -7.51 7.74
N PRO A 512 26.97 -7.37 8.67
CA PRO A 512 28.29 -8.01 8.61
C PRO A 512 28.24 -9.53 8.47
N GLY A 513 29.34 -10.10 8.02
CA GLY A 513 29.43 -11.54 7.79
C GLY A 513 28.42 -11.95 6.74
N ASP A 514 27.91 -13.16 6.84
CA ASP A 514 26.86 -13.61 5.92
C ASP A 514 25.86 -14.52 6.65
N ALA A 515 25.33 -14.00 7.75
CA ALA A 515 24.37 -14.73 8.58
C ALA A 515 23.08 -15.07 7.83
N LYS A 516 22.41 -16.10 8.31
CA LYS A 516 21.15 -16.54 7.73
C LYS A 516 20.10 -16.64 8.82
N LEU A 517 18.82 -16.50 8.44
CA LEU A 517 17.73 -16.61 9.39
C LEU A 517 17.30 -18.07 9.48
N LEU A 518 17.15 -18.69 8.32
CA LEU A 518 16.75 -20.08 8.21
C LEU A 518 17.10 -20.54 6.80
N GLY A 519 17.42 -21.82 6.64
CA GLY A 519 17.78 -22.35 5.34
C GLY A 519 18.23 -23.79 5.36
N LEU A 520 18.65 -24.30 4.20
CA LEU A 520 19.09 -25.69 4.09
C LEU A 520 20.37 -25.82 3.28
N SER A 521 21.27 -26.68 3.76
CA SER A 521 22.55 -26.91 3.11
C SER A 521 22.84 -28.41 3.04
N TYR A 522 23.72 -28.80 2.12
CA TYR A 522 24.10 -30.20 1.95
C TYR A 522 25.61 -30.36 1.95
N ASP A 523 26.11 -31.51 2.40
CA ASP A 523 27.56 -31.73 2.46
C ASP A 523 28.07 -32.94 1.69
N LYS A 524 29.34 -33.29 1.91
CA LYS A 524 30.02 -34.35 1.18
C LYS A 524 29.67 -35.78 1.60
N ASN A 525 28.96 -35.94 2.71
CA ASN A 525 28.62 -37.27 3.20
C ASN A 525 27.20 -37.68 2.84
N ARG A 526 26.56 -36.87 2.01
CA ARG A 526 25.18 -37.12 1.58
C ARG A 526 24.17 -36.94 2.72
N GLN A 527 24.45 -35.96 3.58
CA GLN A 527 23.57 -35.63 4.70
C GLN A 527 23.12 -34.17 4.58
N TRP A 528 21.90 -33.88 5.06
CA TRP A 528 21.38 -32.52 5.02
C TRP A 528 21.97 -31.69 6.16
N ARG A 529 22.17 -30.40 5.92
CA ARG A 529 22.66 -29.51 6.95
C ARG A 529 21.74 -28.29 7.12
N PRO A 530 20.72 -28.45 7.96
CA PRO A 530 19.77 -27.36 8.24
C PRO A 530 20.39 -26.27 9.10
N LEU A 531 20.00 -25.02 8.87
CA LEU A 531 20.50 -23.89 9.64
C LEU A 531 19.33 -23.20 10.35
N TYR A 532 19.42 -23.07 11.67
CA TYR A 532 18.36 -22.45 12.46
C TYR A 532 18.88 -21.25 13.23
N GLY A 533 19.00 -20.11 12.56
CA GLY A 533 19.54 -18.92 13.19
C GLY A 533 21.05 -19.00 13.23
N ALA A 534 21.64 -18.67 14.37
CA ALA A 534 23.09 -18.67 14.50
C ALA A 534 23.66 -20.01 14.98
N ALA A 535 22.79 -20.91 15.42
CA ALA A 535 23.22 -22.21 15.94
C ALA A 535 24.04 -23.02 14.93
N PRO A 536 25.10 -23.66 15.40
CA PRO A 536 25.97 -24.49 14.56
C PRO A 536 25.18 -25.53 13.76
N ALA A 537 25.54 -25.70 12.49
CA ALA A 537 24.83 -26.61 11.60
C ALA A 537 25.30 -28.07 11.68
N SER A 538 24.69 -28.84 12.56
CA SER A 538 25.00 -30.26 12.69
C SER A 538 24.23 -31.06 11.65
N PRO A 539 24.93 -31.94 10.92
CA PRO A 539 24.31 -32.73 9.85
C PRO A 539 23.37 -33.82 10.34
N THR A 540 22.47 -34.27 9.46
CA THR A 540 21.51 -35.30 9.78
C THR A 540 20.89 -35.91 8.53
N GLY A 541 20.20 -37.03 8.71
CA GLY A 541 19.52 -37.71 7.61
C GLY A 541 20.44 -38.24 6.52
N SER A 542 19.85 -38.68 5.42
CA SER A 542 20.62 -39.20 4.29
C SER A 542 19.90 -38.96 2.96
N TRP A 543 20.68 -38.65 1.92
CA TRP A 543 20.11 -38.42 0.59
C TRP A 543 20.97 -39.03 -0.51
N GLU A 544 20.41 -39.15 -1.70
CA GLU A 544 21.11 -39.75 -2.83
C GLU A 544 21.14 -38.83 -4.04
N LEU A 545 22.24 -38.88 -4.80
CA LEU A 545 22.42 -38.07 -5.99
C LEU A 545 21.33 -38.31 -7.03
N HIS A 546 20.96 -37.24 -7.73
CA HIS A 546 20.00 -37.31 -8.84
C HIS A 546 18.55 -37.65 -8.46
N LYS A 547 18.26 -37.68 -7.16
CA LYS A 547 16.90 -37.96 -6.72
C LYS A 547 16.16 -36.66 -6.42
N LYS A 548 14.89 -36.60 -6.82
CA LYS A 548 14.08 -35.41 -6.62
C LYS A 548 13.59 -35.32 -5.17
N TYR A 549 13.79 -34.17 -4.54
CA TYR A 549 13.40 -33.97 -3.16
C TYR A 549 12.55 -32.72 -2.96
N HIS A 550 11.51 -32.82 -2.14
CA HIS A 550 10.64 -31.70 -1.81
C HIS A 550 11.24 -30.95 -0.62
N VAL A 551 11.42 -29.64 -0.77
CA VAL A 551 11.98 -28.82 0.30
C VAL A 551 11.01 -27.73 0.73
N VAL A 552 10.84 -27.56 2.04
CA VAL A 552 9.93 -26.56 2.59
C VAL A 552 10.54 -25.86 3.80
N LEU A 553 10.43 -24.53 3.83
CA LEU A 553 10.95 -23.73 4.94
C LEU A 553 9.82 -22.99 5.63
N THR A 554 9.71 -23.15 6.95
CA THR A 554 8.65 -22.50 7.71
C THR A 554 9.22 -21.57 8.78
N MET A 555 8.59 -20.40 8.94
CA MET A 555 9.05 -19.43 9.92
C MET A 555 7.88 -18.61 10.49
N ALA A 556 7.53 -18.87 11.74
CA ALA A 556 6.45 -18.15 12.41
C ALA A 556 6.73 -18.10 13.90
N ASP A 557 6.13 -17.14 14.59
CA ASP A 557 6.32 -16.97 16.03
C ASP A 557 7.80 -17.09 16.41
N ARG A 558 8.67 -16.52 15.58
CA ARG A 558 10.11 -16.55 15.81
C ARG A 558 10.69 -17.97 15.80
N GLN A 559 9.90 -18.92 15.32
CA GLN A 559 10.33 -20.32 15.23
C GLN A 559 10.75 -20.68 13.81
N GLY A 560 11.45 -21.80 13.66
CA GLY A 560 11.90 -22.25 12.37
C GLY A 560 11.80 -23.77 12.21
N SER A 561 11.48 -24.21 11.00
CA SER A 561 11.38 -25.63 10.71
C SER A 561 11.72 -25.90 9.24
N VAL A 562 12.30 -27.07 8.97
CA VAL A 562 12.69 -27.45 7.62
C VAL A 562 12.22 -28.87 7.30
N TYR A 563 11.53 -29.03 6.18
CA TYR A 563 10.99 -30.33 5.80
C TYR A 563 11.61 -30.90 4.53
N VAL A 564 11.81 -32.21 4.52
CA VAL A 564 12.27 -32.93 3.34
C VAL A 564 11.31 -34.10 3.11
N ASP A 565 10.72 -34.15 1.92
CA ASP A 565 9.78 -35.21 1.56
C ASP A 565 8.52 -35.25 2.41
N GLY A 566 8.20 -34.14 3.07
CA GLY A 566 6.99 -34.06 3.89
C GLY A 566 7.21 -34.22 5.38
N GLN A 567 8.39 -34.72 5.76
CA GLN A 567 8.70 -34.93 7.17
C GLN A 567 9.76 -33.94 7.65
N PRO A 568 9.75 -33.64 8.95
CA PRO A 568 10.68 -32.66 9.53
C PRO A 568 12.06 -33.25 9.78
N LEU A 569 13.07 -32.39 9.80
CA LEU A 569 14.43 -32.82 10.10
C LEU A 569 14.70 -32.47 11.57
N ALA A 570 15.69 -33.14 12.16
CA ALA A 570 16.04 -32.87 13.55
C ALA A 570 16.34 -31.39 13.77
N GLY A 571 15.87 -30.84 14.88
CA GLY A 571 16.08 -29.44 15.19
C GLY A 571 14.90 -28.56 14.85
N SER A 572 14.04 -29.07 13.96
CA SER A 572 12.87 -28.32 13.52
C SER A 572 11.93 -27.97 14.68
N GLY A 573 11.63 -26.69 14.82
CA GLY A 573 10.76 -26.21 15.88
C GLY A 573 11.49 -25.26 16.82
N ASN A 574 12.76 -25.01 16.51
CA ASN A 574 13.59 -24.14 17.34
C ASN A 574 13.50 -22.65 17.04
N THR A 575 13.63 -21.84 18.09
CA THR A 575 13.62 -20.39 17.97
C THR A 575 14.77 -19.92 17.09
N VAL A 576 14.49 -18.99 16.18
CA VAL A 576 15.51 -18.52 15.24
C VAL A 576 15.96 -17.07 15.43
N VAL A 577 15.34 -16.35 16.36
CA VAL A 577 15.73 -14.96 16.60
C VAL A 577 15.37 -14.47 18.01
N ARG A 578 16.36 -13.87 18.68
CA ARG A 578 16.17 -13.34 20.03
C ARG A 578 15.98 -11.83 20.02
N GLY A 579 14.99 -11.35 20.78
CA GLY A 579 14.71 -9.94 20.87
C GLY A 579 13.33 -9.59 20.36
N ALA A 580 12.87 -8.38 20.68
CA ALA A 580 11.56 -7.92 20.23
C ALA A 580 11.70 -7.20 18.90
N THR A 581 12.93 -6.98 18.47
CA THR A 581 13.22 -6.31 17.21
C THR A 581 13.02 -7.28 16.05
N LEU A 582 12.40 -6.82 14.98
CA LEU A 582 12.17 -7.64 13.81
C LEU A 582 13.47 -7.90 13.05
N PRO A 583 13.59 -9.08 12.46
CA PRO A 583 14.75 -9.42 11.64
C PRO A 583 14.73 -8.56 10.38
N ASP A 584 15.87 -8.42 9.72
CA ASP A 584 15.93 -7.63 8.50
C ASP A 584 16.45 -8.48 7.35
N ILE A 585 15.57 -9.30 6.80
CA ILE A 585 15.93 -10.19 5.69
C ILE A 585 16.37 -9.40 4.47
N SER A 586 17.57 -9.71 3.99
CA SER A 586 18.12 -9.03 2.81
C SER A 586 17.52 -9.60 1.54
N HIS A 587 17.43 -10.93 1.47
CA HIS A 587 16.93 -11.60 0.29
C HIS A 587 16.75 -13.11 0.52
N PHE A 588 16.08 -13.76 -0.42
CA PHE A 588 15.95 -15.20 -0.43
C PHE A 588 16.99 -15.69 -1.42
N TYR A 589 17.64 -16.81 -1.12
CA TYR A 589 18.64 -17.35 -2.04
C TYR A 589 18.30 -18.74 -2.53
N ILE A 590 18.53 -18.97 -3.81
CA ILE A 590 18.28 -20.25 -4.45
C ILE A 590 19.58 -20.73 -5.08
N GLY A 591 20.10 -21.85 -4.58
CA GLY A 591 21.38 -22.33 -5.04
C GLY A 591 22.45 -21.63 -4.23
N GLY A 592 23.48 -21.11 -4.89
CA GLY A 592 24.55 -20.42 -4.18
C GLY A 592 25.08 -19.17 -4.86
N PRO A 593 24.23 -18.15 -5.00
CA PRO A 593 24.65 -16.88 -5.62
C PRO A 593 25.58 -16.07 -4.72
N ARG A 594 26.44 -15.25 -5.33
CA ARG A 594 27.36 -14.37 -4.61
C ARG A 594 28.18 -13.51 -5.56
N SER A 595 28.32 -12.23 -5.23
CA SER A 595 29.10 -11.32 -6.04
C SER A 595 30.46 -11.06 -5.40
N LYS A 596 30.69 -11.70 -4.26
CA LYS A 596 31.95 -11.54 -3.52
C LYS A 596 32.12 -12.67 -2.51
N GLY A 597 33.34 -12.83 -2.01
CA GLY A 597 33.64 -13.85 -1.03
C GLY A 597 33.90 -15.21 -1.65
N ALA A 598 33.65 -16.26 -0.87
CA ALA A 598 33.89 -17.64 -1.30
C ALA A 598 33.29 -17.94 -2.67
N PRO A 599 34.12 -18.47 -3.57
CA PRO A 599 33.69 -18.87 -4.91
C PRO A 599 32.78 -20.09 -4.86
N THR A 600 31.59 -19.92 -4.29
CA THR A 600 30.63 -21.02 -4.16
C THR A 600 30.20 -21.52 -5.53
N ASP A 601 30.14 -22.84 -5.68
CA ASP A 601 29.68 -23.46 -6.91
C ASP A 601 28.78 -24.63 -6.54
N SER A 602 27.53 -24.32 -6.25
CA SER A 602 26.55 -25.33 -5.87
C SER A 602 25.98 -26.02 -7.11
N ARG A 603 26.37 -27.27 -7.31
CA ARG A 603 25.90 -28.03 -8.45
C ARG A 603 24.54 -28.67 -8.18
N VAL A 604 23.49 -27.86 -8.26
CA VAL A 604 22.13 -28.33 -8.03
C VAL A 604 21.16 -27.77 -9.06
N THR A 605 19.96 -28.35 -9.09
CA THR A 605 18.91 -27.90 -9.99
C THR A 605 17.66 -27.66 -9.16
N VAL A 606 17.01 -26.51 -9.36
CA VAL A 606 15.82 -26.17 -8.59
C VAL A 606 14.65 -25.74 -9.47
N THR A 607 13.48 -26.32 -9.21
CA THR A 607 12.28 -26.01 -9.98
C THR A 607 11.06 -25.75 -9.09
N ASN A 608 10.22 -24.81 -9.52
CA ASN A 608 8.98 -24.47 -8.82
C ASN A 608 9.17 -23.96 -7.39
N VAL A 609 9.65 -22.72 -7.27
CA VAL A 609 9.82 -22.11 -5.96
C VAL A 609 8.56 -21.31 -5.62
N VAL A 610 7.99 -21.58 -4.46
CA VAL A 610 6.76 -20.91 -4.04
C VAL A 610 6.95 -20.18 -2.72
N LEU A 611 6.32 -19.01 -2.60
CA LEU A 611 6.44 -18.17 -1.40
C LEU A 611 5.07 -17.74 -0.87
N TYR A 612 4.82 -18.02 0.40
CA TYR A 612 3.56 -17.64 1.04
C TYR A 612 3.82 -16.64 2.17
N ASN A 613 2.80 -15.88 2.54
CA ASN A 613 2.93 -14.89 3.62
C ASN A 613 2.43 -15.38 4.97
N ARG A 614 2.33 -16.71 5.11
CA ARG A 614 1.86 -17.30 6.35
C ARG A 614 2.46 -18.69 6.55
N ARG A 615 2.35 -19.21 7.77
CA ARG A 615 2.87 -20.53 8.09
C ARG A 615 1.88 -21.61 7.66
N LEU A 616 2.19 -22.30 6.57
CA LEU A 616 1.33 -23.36 6.05
C LEU A 616 1.17 -24.48 7.07
N ASN A 617 -0.02 -25.04 7.18
CA ASN A 617 -0.27 -26.12 8.14
C ASN A 617 0.26 -27.47 7.65
N SER A 618 0.19 -28.47 8.53
CA SER A 618 0.73 -29.80 8.23
C SER A 618 0.10 -30.49 7.02
N SER A 619 -1.22 -30.46 6.93
CA SER A 619 -1.92 -31.10 5.82
C SER A 619 -1.67 -30.36 4.51
N GLU A 620 -1.49 -29.06 4.59
CA GLU A 620 -1.23 -28.24 3.41
C GLU A 620 0.12 -28.61 2.81
N ILE A 621 1.07 -28.98 3.65
CA ILE A 621 2.39 -29.40 3.19
C ILE A 621 2.27 -30.78 2.53
N ARG A 622 1.41 -31.62 3.09
CA ARG A 622 1.17 -32.94 2.53
C ARG A 622 0.67 -32.81 1.10
N THR A 623 -0.32 -31.95 0.91
CA THR A 623 -0.91 -31.71 -0.41
C THR A 623 0.15 -31.32 -1.44
N LEU A 624 1.06 -30.43 -1.05
CA LEU A 624 2.12 -29.97 -1.96
C LEU A 624 3.11 -31.08 -2.30
N PHE A 625 3.52 -31.85 -1.30
CA PHE A 625 4.47 -32.94 -1.50
C PHE A 625 3.94 -33.99 -2.47
N LEU A 626 2.63 -34.26 -2.41
CA LEU A 626 2.02 -35.27 -3.24
C LEU A 626 1.56 -34.77 -4.61
N SER A 627 1.76 -33.49 -4.89
CA SER A 627 1.31 -32.93 -6.17
C SER A 627 2.33 -32.03 -6.89
N GLN A 628 3.56 -32.01 -6.39
CA GLN A 628 4.61 -31.17 -6.98
C GLN A 628 4.83 -31.40 -8.47
N ASP A 629 4.30 -32.52 -8.99
CA ASP A 629 4.44 -32.85 -10.40
C ASP A 629 3.29 -32.32 -11.26
N MET A 630 2.41 -31.52 -10.68
CA MET A 630 1.24 -31.02 -11.40
C MET A 630 1.11 -29.49 -11.43
N ILE A 631 1.98 -28.80 -10.70
CA ILE A 631 1.86 -27.35 -10.58
C ILE A 631 2.67 -26.51 -11.57
N GLY A 632 3.69 -27.10 -12.18
CA GLY A 632 4.54 -26.38 -13.11
C GLY A 632 3.82 -25.72 -14.27
N THR A 633 4.42 -24.66 -14.81
CA THR A 633 3.85 -23.95 -15.95
C THR A 633 4.34 -24.54 -17.27
N ASP A 634 4.56 -25.86 -17.27
CA ASP A 634 5.01 -26.59 -18.45
C ASP A 634 6.43 -26.21 -18.86
#